data_2MVJ
#
_entry.id   2MVJ
#
_entity_poly.entity_id   1
_entity_poly.type   'polypeptide(L)'
_entity_poly.pdbx_seq_one_letter_code
;MKFYTIKLAKFLGGIVRAMLGSFRKD
;
_entity_poly.pdbx_strand_id   A
#
# COMPACT_ATOMS: atom_id res chain seq x y z
N MET A 1 -13.91 -15.51 4.43
CA MET A 1 -14.27 -14.07 4.35
C MET A 1 -14.47 -13.68 2.88
N LYS A 2 -14.57 -12.38 2.63
CA LYS A 2 -14.76 -11.87 1.27
C LYS A 2 -13.51 -12.11 0.43
N PHE A 3 -12.42 -12.49 1.10
CA PHE A 3 -11.13 -12.73 0.43
C PHE A 3 -10.58 -11.44 -0.21
N TYR A 4 -11.44 -10.42 -0.30
CA TYR A 4 -11.07 -9.12 -0.85
C TYR A 4 -10.28 -8.36 0.22
N THR A 5 -10.33 -8.88 1.44
CA THR A 5 -9.61 -8.30 2.56
C THR A 5 -8.11 -8.35 2.31
N ILE A 6 -7.62 -9.52 1.85
CA ILE A 6 -6.19 -9.68 1.53
C ILE A 6 -5.83 -8.74 0.38
N LYS A 7 -6.70 -8.71 -0.63
CA LYS A 7 -6.48 -7.89 -1.82
C LYS A 7 -6.31 -6.42 -1.46
N LEU A 8 -7.22 -5.91 -0.65
CA LEU A 8 -7.18 -4.50 -0.26
C LEU A 8 -5.92 -4.21 0.53
N ALA A 9 -5.59 -5.12 1.44
CA ALA A 9 -4.38 -4.96 2.25
C ALA A 9 -3.16 -4.75 1.36
N LYS A 10 -3.07 -5.56 0.30
CA LYS A 10 -1.97 -5.44 -0.66
C LYS A 10 -2.05 -4.10 -1.39
N PHE A 11 -3.26 -3.73 -1.80
CA PHE A 11 -3.48 -2.47 -2.51
C PHE A 11 -2.96 -1.30 -1.67
N LEU A 12 -3.39 -1.28 -0.42
CA LEU A 12 -2.94 -0.24 0.52
C LEU A 12 -1.44 -0.37 0.76
N GLY A 13 -0.98 -1.61 0.92
CA GLY A 13 0.44 -1.86 1.17
C GLY A 13 1.28 -1.47 -0.03
N GLY A 14 0.63 -1.24 -1.16
CA GLY A 14 1.32 -0.83 -2.39
C GLY A 14 1.42 0.69 -2.40
N ILE A 15 0.31 1.32 -2.04
CA ILE A 15 0.22 2.79 -1.97
C ILE A 15 1.03 3.33 -0.79
N VAL A 16 0.98 2.62 0.35
CA VAL A 16 1.67 3.10 1.55
C VAL A 16 3.15 3.42 1.21
N ARG A 17 3.77 2.52 0.45
CA ARG A 17 5.14 2.70 0.00
C ARG A 17 5.22 3.88 -0.97
N ALA A 18 4.22 4.00 -1.85
CA ALA A 18 4.20 5.07 -2.85
C ALA A 18 4.21 6.45 -2.17
N MET A 19 3.45 6.58 -1.09
CA MET A 19 3.37 7.83 -0.35
C MET A 19 4.75 8.22 0.19
N LEU A 20 5.34 7.32 0.95
CA LEU A 20 6.66 7.54 1.53
C LEU A 20 7.67 7.67 0.41
N GLY A 21 7.49 6.84 -0.60
CA GLY A 21 8.38 6.84 -1.76
C GLY A 21 8.31 8.18 -2.47
N SER A 22 7.16 8.85 -2.33
CA SER A 22 6.97 10.16 -2.94
C SER A 22 7.98 11.14 -2.36
N PHE A 23 8.17 11.07 -1.03
CA PHE A 23 9.11 11.93 -0.31
C PHE A 23 10.47 11.22 -0.20
N ARG A 24 11.51 11.85 -0.74
CA ARG A 24 12.87 11.29 -0.72
C ARG A 24 13.68 11.86 0.45
N LYS A 25 14.48 11.01 1.09
CA LYS A 25 15.29 11.44 2.23
C LYS A 25 16.29 12.50 1.76
N ASP A 26 16.85 12.31 0.57
CA ASP A 26 17.83 13.25 0.01
C ASP A 26 18.03 12.98 -1.48
N MET A 1 -11.75 -10.24 7.18
CA MET A 1 -10.85 -10.35 6.00
C MET A 1 -11.35 -11.48 5.10
N LYS A 2 -12.45 -11.21 4.41
CA LYS A 2 -13.06 -12.20 3.51
C LYS A 2 -12.09 -12.64 2.40
N PHE A 3 -11.94 -11.79 1.38
CA PHE A 3 -11.05 -12.10 0.24
C PHE A 3 -10.72 -10.83 -0.53
N TYR A 4 -11.74 -10.03 -0.84
CA TYR A 4 -11.53 -8.78 -1.57
C TYR A 4 -10.69 -7.84 -0.71
N THR A 5 -10.79 -8.04 0.60
CA THR A 5 -10.04 -7.24 1.56
C THR A 5 -8.54 -7.49 1.36
N ILE A 6 -8.17 -8.75 1.16
CA ILE A 6 -6.78 -9.13 0.93
C ILE A 6 -6.27 -8.48 -0.35
N LYS A 7 -7.11 -8.52 -1.39
CA LYS A 7 -6.73 -7.93 -2.68
C LYS A 7 -6.43 -6.45 -2.52
N LEU A 8 -7.35 -5.74 -1.88
CA LEU A 8 -7.22 -4.31 -1.66
C LEU A 8 -6.05 -4.04 -0.72
N ALA A 9 -5.92 -4.89 0.30
CA ALA A 9 -4.85 -4.72 1.28
C ALA A 9 -3.48 -4.67 0.58
N LYS A 10 -3.27 -5.57 -0.38
CA LYS A 10 -2.01 -5.61 -1.13
C LYS A 10 -1.86 -4.32 -1.95
N PHE A 11 -2.95 -3.91 -2.59
CA PHE A 11 -2.95 -2.69 -3.39
C PHE A 11 -2.55 -1.51 -2.52
N LEU A 12 -3.18 -1.43 -1.36
CA LEU A 12 -2.88 -0.38 -0.38
C LEU A 12 -1.45 -0.58 0.13
N GLY A 13 -1.07 -1.84 0.36
CA GLY A 13 0.26 -2.16 0.87
C GLY A 13 1.34 -1.77 -0.13
N GLY A 14 0.93 -1.58 -1.38
CA GLY A 14 1.86 -1.18 -2.44
C GLY A 14 2.03 0.33 -2.37
N ILE A 15 0.88 1.00 -2.23
CA ILE A 15 0.81 2.46 -2.14
C ILE A 15 1.38 2.96 -0.82
N VAL A 16 1.08 2.26 0.28
CA VAL A 16 1.53 2.72 1.59
C VAL A 16 3.04 2.98 1.59
N ARG A 17 3.78 2.06 0.98
CA ARG A 17 5.22 2.19 0.87
C ARG A 17 5.56 3.35 -0.07
N ALA A 18 4.76 3.49 -1.14
CA ALA A 18 4.98 4.55 -2.12
C ALA A 18 4.87 5.92 -1.48
N MET A 19 3.89 6.07 -0.59
CA MET A 19 3.65 7.33 0.10
C MET A 19 4.85 7.71 0.96
N LEU A 20 5.29 6.77 1.77
CA LEU A 20 6.43 6.98 2.65
C LEU A 20 7.67 7.28 1.83
N GLY A 21 7.82 6.53 0.75
CA GLY A 21 8.95 6.69 -0.15
C GLY A 21 8.87 8.06 -0.83
N SER A 22 7.63 8.49 -1.08
CA SER A 22 7.38 9.78 -1.74
C SER A 22 7.65 10.94 -0.80
N PHE A 23 7.50 10.70 0.50
CA PHE A 23 7.72 11.76 1.49
C PHE A 23 9.15 12.31 1.41
N ARG A 24 10.14 11.41 1.35
CA ARG A 24 11.57 11.80 1.27
C ARG A 24 12.09 11.65 -0.16
N LYS A 25 12.91 12.61 -0.59
CA LYS A 25 13.48 12.58 -1.94
C LYS A 25 14.39 11.36 -2.09
N ASP A 26 15.19 11.09 -1.04
CA ASP A 26 16.11 9.96 -1.05
C ASP A 26 15.34 8.64 -1.13
N MET A 1 -12.69 -15.50 5.04
CA MET A 1 -12.26 -14.07 4.96
C MET A 1 -12.73 -13.49 3.62
N LYS A 2 -13.23 -12.26 3.66
CA LYS A 2 -13.71 -11.59 2.45
C LYS A 2 -12.55 -11.29 1.50
N PHE A 3 -12.75 -11.51 0.21
CA PHE A 3 -11.71 -11.26 -0.79
C PHE A 3 -11.39 -9.77 -0.82
N TYR A 4 -12.35 -8.97 -0.37
CA TYR A 4 -12.20 -7.53 -0.32
C TYR A 4 -11.03 -7.15 0.61
N THR A 5 -10.95 -7.81 1.76
CA THR A 5 -9.88 -7.53 2.72
C THR A 5 -8.50 -7.78 2.10
N ILE A 6 -8.33 -8.94 1.45
CA ILE A 6 -7.04 -9.27 0.83
C ILE A 6 -6.77 -8.28 -0.31
N LYS A 7 -7.81 -8.00 -1.09
CA LYS A 7 -7.68 -7.08 -2.22
C LYS A 7 -7.24 -5.69 -1.75
N LEU A 8 -7.94 -5.15 -0.76
CA LEU A 8 -7.63 -3.82 -0.25
C LEU A 8 -6.25 -3.85 0.41
N ALA A 9 -6.00 -4.90 1.17
CA ALA A 9 -4.72 -5.04 1.86
C ALA A 9 -3.58 -4.91 0.85
N LYS A 10 -3.78 -5.55 -0.30
CA LYS A 10 -2.82 -5.50 -1.41
C LYS A 10 -2.73 -4.08 -1.98
N PHE A 11 -3.89 -3.42 -2.09
CA PHE A 11 -3.95 -2.06 -2.62
C PHE A 11 -3.12 -1.13 -1.74
N LEU A 12 -3.39 -1.17 -0.43
CA LEU A 12 -2.63 -0.36 0.53
C LEU A 12 -1.19 -0.86 0.62
N GLY A 13 -1.02 -2.18 0.61
CA GLY A 13 0.30 -2.78 0.72
C GLY A 13 1.21 -2.43 -0.45
N GLY A 14 0.61 -1.90 -1.53
CA GLY A 14 1.39 -1.48 -2.70
C GLY A 14 1.74 0.00 -2.56
N ILE A 15 0.76 0.77 -2.14
CA ILE A 15 0.89 2.22 -1.94
C ILE A 15 1.72 2.51 -0.69
N VAL A 16 1.66 1.63 0.32
CA VAL A 16 2.40 1.88 1.56
C VAL A 16 3.89 2.09 1.24
N ARG A 17 4.39 1.24 0.35
CA ARG A 17 5.78 1.29 -0.09
C ARG A 17 5.99 2.59 -0.89
N ALA A 18 5.01 2.93 -1.73
CA ALA A 18 5.10 4.14 -2.57
C ALA A 18 5.27 5.40 -1.72
N MET A 19 4.55 5.46 -0.60
CA MET A 19 4.61 6.61 0.28
C MET A 19 6.03 6.81 0.80
N LEU A 20 6.55 5.76 1.42
CA LEU A 20 7.91 5.80 1.97
C LEU A 20 8.90 6.01 0.83
N GLY A 21 8.64 5.32 -0.25
CA GLY A 21 9.49 5.41 -1.44
C GLY A 21 9.41 6.82 -2.02
N SER A 22 8.27 7.47 -1.79
CA SER A 22 8.02 8.83 -2.29
C SER A 22 8.59 9.88 -1.32
N PHE A 23 8.93 9.45 -0.10
CA PHE A 23 9.47 10.36 0.91
C PHE A 23 10.93 10.68 0.59
N ARG A 24 11.18 11.02 -0.67
CA ARG A 24 12.53 11.35 -1.12
C ARG A 24 13.13 12.49 -0.29
N LYS A 25 14.30 12.98 -0.71
CA LYS A 25 14.97 14.07 0.00
C LYS A 25 14.14 15.35 -0.11
N ASP A 26 14.12 16.14 0.97
CA ASP A 26 13.36 17.39 0.98
C ASP A 26 13.86 18.34 -0.11
N MET A 1 -13.46 -12.46 7.82
CA MET A 1 -12.55 -11.32 7.53
C MET A 1 -12.69 -10.91 6.06
N LYS A 2 -13.56 -11.63 5.34
CA LYS A 2 -13.84 -11.36 3.93
C LYS A 2 -12.58 -11.41 3.06
N PHE A 3 -12.74 -11.93 1.83
CA PHE A 3 -11.62 -12.05 0.88
C PHE A 3 -11.20 -10.69 0.31
N TYR A 4 -12.16 -9.76 0.10
CA TYR A 4 -11.84 -8.44 -0.47
C TYR A 4 -10.67 -7.78 0.28
N THR A 5 -10.38 -8.31 1.47
CA THR A 5 -9.29 -7.80 2.30
C THR A 5 -7.95 -7.97 1.55
N ILE A 6 -7.75 -9.14 0.95
CA ILE A 6 -6.51 -9.40 0.20
C ILE A 6 -6.43 -8.44 -0.98
N LYS A 7 -7.54 -8.26 -1.68
CA LYS A 7 -7.58 -7.36 -2.84
C LYS A 7 -7.13 -5.96 -2.44
N LEU A 8 -7.71 -5.43 -1.38
CA LEU A 8 -7.37 -4.10 -0.90
C LEU A 8 -5.93 -4.08 -0.41
N ALA A 9 -5.55 -5.13 0.29
CA ALA A 9 -4.20 -5.22 0.85
C ALA A 9 -3.14 -5.02 -0.24
N LYS A 10 -3.37 -5.62 -1.41
CA LYS A 10 -2.46 -5.49 -2.55
C LYS A 10 -2.45 -4.05 -3.04
N PHE A 11 -3.64 -3.46 -3.14
CA PHE A 11 -3.76 -2.07 -3.59
C PHE A 11 -2.94 -1.16 -2.69
N LEU A 12 -3.14 -1.33 -1.39
CA LEU A 12 -2.39 -0.58 -0.38
C LEU A 12 -0.93 -1.02 -0.41
N GLY A 13 -0.73 -2.32 -0.61
CA GLY A 13 0.61 -2.90 -0.64
C GLY A 13 1.47 -2.31 -1.74
N GLY A 14 0.83 -1.63 -2.68
CA GLY A 14 1.54 -0.97 -3.79
C GLY A 14 1.85 0.47 -3.39
N ILE A 15 0.83 1.12 -2.82
CA ILE A 15 0.90 2.50 -2.37
C ILE A 15 1.76 2.60 -1.11
N VAL A 16 1.78 1.56 -0.28
CA VAL A 16 2.56 1.61 0.96
C VAL A 16 4.02 1.97 0.63
N ARG A 17 4.52 1.35 -0.42
CA ARG A 17 5.88 1.59 -0.89
C ARG A 17 5.98 3.05 -1.39
N ALA A 18 4.94 3.49 -2.11
CA ALA A 18 4.92 4.85 -2.66
C ALA A 18 5.04 5.90 -1.56
N MET A 19 4.39 5.66 -0.43
CA MET A 19 4.42 6.59 0.70
C MET A 19 5.84 6.78 1.22
N LEU A 20 6.48 5.67 1.59
CA LEU A 20 7.85 5.72 2.11
C LEU A 20 8.77 6.28 1.04
N GLY A 21 8.55 5.83 -0.19
CA GLY A 21 9.35 6.29 -1.33
C GLY A 21 9.11 7.78 -1.55
N SER A 22 7.91 8.23 -1.23
CA SER A 22 7.53 9.64 -1.38
C SER A 22 7.94 10.45 -0.15
N PHE A 23 7.99 9.81 1.01
CA PHE A 23 8.37 10.49 2.25
C PHE A 23 9.77 11.09 2.15
N ARG A 24 10.72 10.29 1.64
CA ARG A 24 12.10 10.75 1.52
C ARG A 24 12.18 11.90 0.52
N LYS A 25 11.78 13.09 0.96
CA LYS A 25 11.81 14.28 0.11
C LYS A 25 13.25 14.61 -0.28
N ASP A 26 14.16 14.48 0.68
CA ASP A 26 15.59 14.75 0.46
C ASP A 26 15.79 16.18 -0.08
N MET A 1 -13.14 -13.01 7.27
CA MET A 1 -12.05 -12.59 6.33
C MET A 1 -12.62 -12.56 4.91
N LYS A 2 -13.10 -11.39 4.49
CA LYS A 2 -13.66 -11.23 3.15
C LYS A 2 -12.56 -11.30 2.10
N PHE A 3 -12.91 -11.76 0.90
CA PHE A 3 -11.95 -11.90 -0.19
C PHE A 3 -11.38 -10.55 -0.63
N TYR A 4 -12.24 -9.53 -0.74
CA TYR A 4 -11.78 -8.22 -1.22
C TYR A 4 -10.76 -7.61 -0.26
N THR A 5 -10.71 -8.13 0.97
CA THR A 5 -9.75 -7.65 1.96
C THR A 5 -8.31 -7.91 1.47
N ILE A 6 -8.06 -9.11 0.93
CA ILE A 6 -6.72 -9.44 0.43
C ILE A 6 -6.39 -8.50 -0.73
N LYS A 7 -7.36 -8.31 -1.61
CA LYS A 7 -7.20 -7.44 -2.77
C LYS A 7 -6.88 -6.00 -2.36
N LEU A 8 -7.68 -5.45 -1.46
CA LEU A 8 -7.48 -4.07 -1.03
C LEU A 8 -6.19 -3.98 -0.23
N ALA A 9 -5.97 -4.98 0.61
CA ALA A 9 -4.76 -5.02 1.43
C ALA A 9 -3.52 -4.94 0.54
N LYS A 10 -3.59 -5.65 -0.59
CA LYS A 10 -2.50 -5.67 -1.57
C LYS A 10 -2.39 -4.30 -2.24
N PHE A 11 -3.55 -3.70 -2.52
CA PHE A 11 -3.59 -2.38 -3.16
C PHE A 11 -2.92 -1.37 -2.24
N LEU A 12 -3.35 -1.37 -0.99
CA LEU A 12 -2.79 -0.49 0.03
C LEU A 12 -1.35 -0.88 0.33
N GLY A 13 -1.10 -2.19 0.36
CA GLY A 13 0.23 -2.71 0.66
C GLY A 13 1.25 -2.32 -0.40
N GLY A 14 0.76 -1.85 -1.54
CA GLY A 14 1.64 -1.39 -2.64
C GLY A 14 1.89 0.10 -2.48
N ILE A 15 0.82 0.82 -2.19
CA ILE A 15 0.86 2.28 -2.00
C ILE A 15 1.54 2.63 -0.68
N VAL A 16 1.38 1.78 0.34
CA VAL A 16 1.98 2.08 1.64
C VAL A 16 3.49 2.34 1.47
N ARG A 17 4.09 1.51 0.63
CA ARG A 17 5.51 1.62 0.32
C ARG A 17 5.76 2.93 -0.45
N ALA A 18 4.85 3.24 -1.39
CA ALA A 18 4.97 4.44 -2.21
C ALA A 18 5.04 5.71 -1.36
N MET A 19 4.26 5.75 -0.26
CA MET A 19 4.24 6.91 0.60
C MET A 19 5.63 7.19 1.18
N LEU A 20 6.19 6.17 1.85
CA LEU A 20 7.51 6.30 2.45
C LEU A 20 8.52 6.55 1.33
N GLY A 21 8.33 5.85 0.23
CA GLY A 21 9.21 5.99 -0.93
C GLY A 21 9.14 7.41 -1.46
N SER A 22 7.95 8.00 -1.35
CA SER A 22 7.70 9.37 -1.82
C SER A 22 8.17 10.39 -0.79
N PHE A 23 8.23 9.97 0.49
CA PHE A 23 8.65 10.85 1.57
C PHE A 23 10.09 11.33 1.35
N ARG A 24 10.96 10.41 0.95
CA ARG A 24 12.38 10.72 0.72
C ARG A 24 12.53 11.81 -0.35
N LYS A 25 12.69 13.07 0.09
CA LYS A 25 12.87 14.21 -0.81
C LYS A 25 14.17 14.95 -0.43
N ASP A 26 15.22 14.76 -1.22
CA ASP A 26 16.50 15.41 -0.96
C ASP A 26 16.41 16.91 -1.27
N MET A 1 -11.89 -13.87 6.64
CA MET A 1 -13.03 -13.01 6.18
C MET A 1 -13.11 -13.09 4.65
N LYS A 2 -13.75 -12.10 4.04
CA LYS A 2 -13.91 -12.07 2.58
C LYS A 2 -12.55 -11.98 1.89
N PHE A 3 -12.44 -12.63 0.72
CA PHE A 3 -11.20 -12.62 -0.05
C PHE A 3 -10.87 -11.22 -0.53
N TYR A 4 -11.90 -10.39 -0.72
CA TYR A 4 -11.72 -9.01 -1.18
C TYR A 4 -10.75 -8.27 -0.22
N THR A 5 -10.64 -8.79 0.99
CA THR A 5 -9.75 -8.19 2.00
C THR A 5 -8.30 -8.24 1.53
N ILE A 6 -7.87 -9.39 1.00
CA ILE A 6 -6.49 -9.53 0.51
C ILE A 6 -6.29 -8.58 -0.67
N LYS A 7 -7.28 -8.51 -1.57
CA LYS A 7 -7.17 -7.64 -2.73
C LYS A 7 -6.93 -6.19 -2.30
N LEU A 8 -7.78 -5.71 -1.40
CA LEU A 8 -7.66 -4.33 -0.92
C LEU A 8 -6.36 -4.16 -0.14
N ALA A 9 -6.05 -5.15 0.68
CA ALA A 9 -4.85 -5.08 1.50
C ALA A 9 -3.61 -4.78 0.64
N LYS A 10 -3.51 -5.48 -0.49
CA LYS A 10 -2.38 -5.28 -1.41
C LYS A 10 -2.44 -3.88 -2.00
N PHE A 11 -3.63 -3.44 -2.37
CA PHE A 11 -3.82 -2.11 -2.94
C PHE A 11 -3.31 -1.06 -1.97
N LEU A 12 -3.73 -1.18 -0.72
CA LEU A 12 -3.28 -0.27 0.33
C LEU A 12 -1.79 -0.46 0.56
N GLY A 13 -1.36 -1.72 0.57
CA GLY A 13 0.04 -2.04 0.79
C GLY A 13 0.91 -1.53 -0.35
N GLY A 14 0.28 -1.18 -1.46
CA GLY A 14 1.00 -0.65 -2.62
C GLY A 14 1.20 0.84 -2.43
N ILE A 15 0.14 1.50 -1.99
CA ILE A 15 0.14 2.94 -1.73
C ILE A 15 0.95 3.25 -0.48
N VAL A 16 0.82 2.42 0.57
CA VAL A 16 1.53 2.68 1.81
C VAL A 16 3.03 2.85 1.52
N ARG A 17 3.54 1.93 0.69
CA ARG A 17 4.94 1.95 0.29
C ARG A 17 5.21 3.18 -0.57
N ALA A 18 4.23 3.56 -1.41
CA ALA A 18 4.38 4.72 -2.29
C ALA A 18 4.69 5.99 -1.49
N MET A 19 3.98 6.16 -0.37
CA MET A 19 4.17 7.32 0.49
C MET A 19 5.61 7.38 1.01
N LEU A 20 6.02 6.30 1.64
CA LEU A 20 7.38 6.20 2.19
C LEU A 20 8.37 6.29 1.03
N GLY A 21 8.01 5.67 -0.08
CA GLY A 21 8.86 5.68 -1.26
C GLY A 21 9.01 7.12 -1.77
N SER A 22 7.94 7.89 -1.60
CA SER A 22 7.94 9.29 -2.02
C SER A 22 8.85 10.11 -1.10
N PHE A 23 8.81 9.78 0.19
CA PHE A 23 9.62 10.48 1.19
C PHE A 23 11.11 10.22 0.94
N ARG A 24 11.67 11.00 0.02
CA ARG A 24 13.10 10.90 -0.36
C ARG A 24 13.84 12.16 0.07
N LYS A 25 15.15 12.01 0.29
CA LYS A 25 15.98 13.14 0.71
C LYS A 25 16.05 14.17 -0.41
N ASP A 26 16.11 15.45 -0.04
CA ASP A 26 16.17 16.54 -1.03
C ASP A 26 17.41 16.40 -1.91
N MET A 1 -11.07 -14.82 6.34
CA MET A 1 -11.87 -13.58 6.15
C MET A 1 -12.19 -13.41 4.67
N LYS A 2 -12.79 -12.27 4.32
CA LYS A 2 -13.15 -11.98 2.93
C LYS A 2 -11.90 -11.74 2.09
N PHE A 3 -11.93 -12.22 0.84
CA PHE A 3 -10.81 -12.06 -0.08
C PHE A 3 -10.60 -10.59 -0.41
N TYR A 4 -11.66 -9.81 -0.22
CA TYR A 4 -11.65 -8.39 -0.50
C TYR A 4 -10.63 -7.68 0.41
N THR A 5 -10.54 -8.10 1.66
CA THR A 5 -9.63 -7.50 2.62
C THR A 5 -8.18 -7.62 2.16
N ILE A 6 -7.77 -8.83 1.75
CA ILE A 6 -6.40 -9.04 1.28
C ILE A 6 -6.17 -8.27 -0.02
N LYS A 7 -7.17 -8.32 -0.91
CA LYS A 7 -7.07 -7.64 -2.20
C LYS A 7 -6.88 -6.13 -2.01
N LEU A 8 -7.70 -5.52 -1.17
CA LEU A 8 -7.60 -4.09 -0.92
C LEU A 8 -6.28 -3.80 -0.23
N ALA A 9 -5.94 -4.66 0.72
CA ALA A 9 -4.69 -4.49 1.45
C ALA A 9 -3.51 -4.43 0.47
N LYS A 10 -3.62 -5.22 -0.59
CA LYS A 10 -2.60 -5.26 -1.64
C LYS A 10 -2.59 -3.94 -2.40
N PHE A 11 -3.79 -3.41 -2.69
CA PHE A 11 -3.92 -2.13 -3.38
C PHE A 11 -3.28 -1.04 -2.52
N LEU A 12 -3.65 -1.04 -1.25
CA LEU A 12 -3.10 -0.09 -0.29
C LEU A 12 -1.60 -0.33 -0.14
N GLY A 13 -1.21 -1.60 -0.09
CA GLY A 13 0.19 -1.98 0.07
C GLY A 13 1.04 -1.46 -1.08
N GLY A 14 0.41 -1.19 -2.22
CA GLY A 14 1.13 -0.66 -3.38
C GLY A 14 1.37 0.82 -3.17
N ILE A 15 0.32 1.49 -2.70
CA ILE A 15 0.33 2.93 -2.42
C ILE A 15 1.15 3.25 -1.18
N VAL A 16 1.02 2.43 -0.13
CA VAL A 16 1.73 2.70 1.12
C VAL A 16 3.24 2.86 0.84
N ARG A 17 3.79 1.92 0.09
CA ARG A 17 5.19 1.97 -0.28
C ARG A 17 5.46 3.20 -1.12
N ALA A 18 4.51 3.55 -2.00
CA ALA A 18 4.68 4.73 -2.86
C ALA A 18 4.79 6.00 -2.01
N MET A 19 3.96 6.10 -0.97
CA MET A 19 3.95 7.23 -0.07
C MET A 19 5.27 7.31 0.72
N LEU A 20 5.59 6.22 1.42
CA LEU A 20 6.81 6.15 2.21
C LEU A 20 8.02 6.29 1.27
N GLY A 21 7.88 5.66 0.11
CA GLY A 21 8.94 5.70 -0.90
C GLY A 21 9.10 7.13 -1.41
N SER A 22 8.00 7.88 -1.37
CA SER A 22 7.96 9.27 -1.84
C SER A 22 8.35 10.24 -0.71
N PHE A 23 8.34 9.75 0.54
CA PHE A 23 8.70 10.57 1.68
C PHE A 23 10.16 11.04 1.58
N ARG A 24 11.04 10.12 1.17
CA ARG A 24 12.48 10.39 1.04
C ARG A 24 12.75 11.77 0.41
N LYS A 25 13.15 12.73 1.26
CA LYS A 25 13.46 14.07 0.78
C LYS A 25 14.66 14.03 -0.16
N ASP A 26 15.70 13.30 0.24
CA ASP A 26 16.92 13.17 -0.58
C ASP A 26 16.66 12.18 -1.73
N MET A 1 -9.80 -14.43 6.22
CA MET A 1 -10.44 -13.09 6.34
C MET A 1 -11.35 -12.87 5.13
N LYS A 2 -11.98 -11.70 5.08
CA LYS A 2 -12.88 -11.37 3.97
C LYS A 2 -12.08 -11.20 2.68
N PHE A 3 -12.62 -11.68 1.56
CA PHE A 3 -11.95 -11.58 0.27
C PHE A 3 -11.67 -10.12 -0.08
N TYR A 4 -12.53 -9.23 0.42
CA TYR A 4 -12.41 -7.81 0.19
C TYR A 4 -11.10 -7.30 0.82
N THR A 5 -10.75 -7.86 1.97
CA THR A 5 -9.53 -7.45 2.68
C THR A 5 -8.28 -7.69 1.82
N ILE A 6 -8.21 -8.86 1.16
CA ILE A 6 -7.04 -9.17 0.30
C ILE A 6 -6.98 -8.15 -0.83
N LYS A 7 -8.12 -7.86 -1.42
CA LYS A 7 -8.18 -6.90 -2.53
C LYS A 7 -7.66 -5.53 -2.09
N LEU A 8 -8.20 -5.03 -0.98
CA LEU A 8 -7.80 -3.72 -0.47
C LEU A 8 -6.35 -3.76 -0.02
N ALA A 9 -6.00 -4.84 0.66
CA ALA A 9 -4.64 -4.99 1.17
C ALA A 9 -3.62 -4.87 0.03
N LYS A 10 -4.00 -5.41 -1.13
CA LYS A 10 -3.15 -5.37 -2.32
C LYS A 10 -3.07 -3.93 -2.85
N PHE A 11 -4.21 -3.23 -2.82
CA PHE A 11 -4.27 -1.84 -3.28
C PHE A 11 -3.34 -0.99 -2.41
N LEU A 12 -3.52 -1.15 -1.10
CA LEU A 12 -2.68 -0.45 -0.12
C LEU A 12 -1.25 -0.97 -0.18
N GLY A 13 -1.13 -2.28 -0.34
CA GLY A 13 0.18 -2.93 -0.38
C GLY A 13 1.04 -2.44 -1.54
N GLY A 14 0.41 -1.79 -2.51
CA GLY A 14 1.15 -1.24 -3.65
C GLY A 14 1.55 0.19 -3.34
N ILE A 15 0.59 0.93 -2.78
CA ILE A 15 0.77 2.33 -2.40
C ILE A 15 1.65 2.46 -1.16
N VAL A 16 1.63 1.46 -0.27
CA VAL A 16 2.41 1.54 0.96
C VAL A 16 3.88 1.84 0.63
N ARG A 17 4.39 1.17 -0.40
CA ARG A 17 5.76 1.36 -0.85
C ARG A 17 5.91 2.74 -1.49
N ALA A 18 4.89 3.14 -2.24
CA ALA A 18 4.91 4.44 -2.93
C ALA A 18 5.10 5.59 -1.94
N MET A 19 4.46 5.49 -0.77
CA MET A 19 4.55 6.52 0.24
C MET A 19 6.00 6.70 0.71
N LEU A 20 6.59 5.62 1.19
CA LEU A 20 7.98 5.64 1.65
C LEU A 20 8.88 5.97 0.48
N GLY A 21 8.56 5.40 -0.66
CA GLY A 21 9.34 5.64 -1.88
C GLY A 21 9.23 7.09 -2.30
N SER A 22 8.09 7.70 -1.98
CA SER A 22 7.81 9.10 -2.32
C SER A 22 8.27 10.04 -1.20
N PHE A 23 8.49 9.49 -0.01
CA PHE A 23 8.91 10.31 1.14
C PHE A 23 10.25 10.99 0.86
N ARG A 24 11.23 10.21 0.38
CA ARG A 24 12.56 10.75 0.07
C ARG A 24 13.08 11.65 1.20
N LYS A 25 14.17 12.39 0.94
CA LYS A 25 14.77 13.30 1.94
C LYS A 25 14.55 14.76 1.52
N ASP A 26 14.12 15.59 2.47
CA ASP A 26 13.86 17.00 2.19
C ASP A 26 15.15 17.70 1.77
N MET A 1 -10.36 -13.80 5.74
CA MET A 1 -11.51 -12.85 5.78
C MET A 1 -12.08 -12.71 4.37
N LYS A 2 -12.87 -11.66 4.15
CA LYS A 2 -13.47 -11.42 2.84
C LYS A 2 -12.37 -11.15 1.80
N PHE A 3 -12.56 -11.65 0.59
CA PHE A 3 -11.57 -11.50 -0.48
C PHE A 3 -11.22 -10.02 -0.74
N TYR A 4 -12.16 -9.13 -0.46
CA TYR A 4 -11.96 -7.70 -0.65
C TYR A 4 -10.83 -7.19 0.27
N THR A 5 -10.74 -7.74 1.47
CA THR A 5 -9.73 -7.31 2.43
C THR A 5 -8.31 -7.56 1.88
N ILE A 6 -8.05 -8.77 1.40
CA ILE A 6 -6.72 -9.10 0.86
C ILE A 6 -6.44 -8.27 -0.39
N LYS A 7 -7.43 -8.15 -1.25
CA LYS A 7 -7.29 -7.39 -2.49
C LYS A 7 -6.94 -5.93 -2.20
N LEU A 8 -7.72 -5.30 -1.32
CA LEU A 8 -7.49 -3.91 -0.98
C LEU A 8 -6.16 -3.77 -0.24
N ALA A 9 -5.91 -4.71 0.66
CA ALA A 9 -4.67 -4.69 1.42
C ALA A 9 -3.47 -4.66 0.47
N LYS A 10 -3.58 -5.39 -0.63
CA LYS A 10 -2.53 -5.44 -1.65
C LYS A 10 -2.41 -4.08 -2.32
N PHE A 11 -3.55 -3.47 -2.64
CA PHE A 11 -3.58 -2.15 -3.26
C PHE A 11 -2.91 -1.14 -2.33
N LEU A 12 -3.31 -1.19 -1.07
CA LEU A 12 -2.74 -0.32 -0.04
C LEU A 12 -1.27 -0.68 0.19
N GLY A 13 -0.98 -1.97 0.16
CA GLY A 13 0.39 -2.45 0.38
C GLY A 13 1.34 -1.94 -0.70
N GLY A 14 0.79 -1.57 -1.85
CA GLY A 14 1.61 -1.03 -2.93
C GLY A 14 1.91 0.43 -2.65
N ILE A 15 0.86 1.13 -2.21
CA ILE A 15 0.91 2.55 -1.88
C ILE A 15 1.67 2.79 -0.58
N VAL A 16 1.47 1.92 0.42
CA VAL A 16 2.13 2.11 1.71
C VAL A 16 3.65 2.25 1.51
N ARG A 17 4.17 1.40 0.65
CA ARG A 17 5.58 1.41 0.29
C ARG A 17 5.91 2.71 -0.46
N ALA A 18 4.97 3.14 -1.33
CA ALA A 18 5.19 4.34 -2.12
C ALA A 18 5.38 5.57 -1.23
N MET A 19 4.57 5.67 -0.17
CA MET A 19 4.64 6.80 0.74
C MET A 19 6.01 6.86 1.42
N LEU A 20 6.45 5.73 1.93
CA LEU A 20 7.74 5.65 2.59
C LEU A 20 8.83 6.01 1.59
N GLY A 21 8.63 5.53 0.39
CA GLY A 21 9.57 5.78 -0.71
C GLY A 21 9.53 7.25 -1.10
N SER A 22 8.38 7.89 -0.85
CA SER A 22 8.20 9.31 -1.20
C SER A 22 8.96 10.20 -0.21
N PHE A 23 9.27 9.66 0.96
CA PHE A 23 10.00 10.41 1.99
C PHE A 23 11.37 10.85 1.46
N ARG A 24 12.07 9.92 0.82
CA ARG A 24 13.40 10.20 0.27
C ARG A 24 13.32 11.33 -0.76
N LYS A 25 13.75 12.53 -0.37
CA LYS A 25 13.73 13.70 -1.27
C LYS A 25 12.33 13.90 -1.88
N ASP A 26 11.51 14.70 -1.19
CA ASP A 26 10.15 14.98 -1.66
C ASP A 26 10.18 15.56 -3.07
N MET A 1 -13.04 -14.44 5.43
CA MET A 1 -13.43 -13.00 5.43
C MET A 1 -13.34 -12.46 4.01
N LYS A 2 -13.70 -13.29 3.04
CA LYS A 2 -13.66 -12.91 1.62
C LYS A 2 -12.25 -12.46 1.22
N PHE A 3 -12.00 -12.43 -0.09
CA PHE A 3 -10.70 -12.02 -0.63
C PHE A 3 -10.59 -10.50 -0.63
N TYR A 4 -11.65 -9.85 -0.15
CA TYR A 4 -11.71 -8.39 -0.07
C TYR A 4 -10.59 -7.85 0.86
N THR A 5 -10.41 -8.50 2.01
CA THR A 5 -9.41 -8.08 2.97
C THR A 5 -7.99 -8.15 2.37
N ILE A 6 -7.65 -9.30 1.80
CA ILE A 6 -6.34 -9.50 1.20
C ILE A 6 -6.17 -8.57 0.01
N LYS A 7 -7.22 -8.44 -0.78
CA LYS A 7 -7.19 -7.59 -1.96
C LYS A 7 -6.89 -6.14 -1.58
N LEU A 8 -7.64 -5.63 -0.62
CA LEU A 8 -7.46 -4.25 -0.17
C LEU A 8 -6.10 -4.09 0.50
N ALA A 9 -5.74 -5.08 1.29
CA ALA A 9 -4.47 -5.05 2.01
C ALA A 9 -3.29 -4.81 1.06
N LYS A 10 -3.24 -5.57 -0.02
CA LYS A 10 -2.17 -5.42 -1.01
C LYS A 10 -2.28 -4.05 -1.69
N PHE A 11 -3.50 -3.66 -2.02
CA PHE A 11 -3.74 -2.37 -2.69
C PHE A 11 -3.16 -1.23 -1.87
N LEU A 12 -3.52 -1.20 -0.59
CA LEU A 12 -3.00 -0.17 0.32
C LEU A 12 -1.49 -0.34 0.49
N GLY A 13 -1.06 -1.58 0.63
CA GLY A 13 0.37 -1.88 0.82
C GLY A 13 1.21 -1.44 -0.36
N GLY A 14 0.58 -1.28 -1.53
CA GLY A 14 1.30 -0.83 -2.72
C GLY A 14 1.45 0.69 -2.64
N ILE A 15 0.36 1.33 -2.26
CA ILE A 15 0.29 2.78 -2.10
C ILE A 15 1.10 3.25 -0.91
N VAL A 16 1.01 2.53 0.21
CA VAL A 16 1.71 2.94 1.43
C VAL A 16 3.21 3.14 1.13
N ARG A 17 3.77 2.19 0.40
CA ARG A 17 5.18 2.26 -0.01
C ARG A 17 5.37 3.42 -0.98
N ALA A 18 4.38 3.63 -1.85
CA ALA A 18 4.45 4.69 -2.86
C ALA A 18 4.56 6.07 -2.19
N MET A 19 3.83 6.25 -1.10
CA MET A 19 3.82 7.51 -0.37
C MET A 19 5.22 7.81 0.18
N LEU A 20 5.77 6.85 0.90
CA LEU A 20 7.12 6.99 1.45
C LEU A 20 8.12 7.09 0.30
N GLY A 21 7.88 6.30 -0.74
CA GLY A 21 8.75 6.31 -1.91
C GLY A 21 8.67 7.66 -2.60
N SER A 22 7.47 8.24 -2.58
CA SER A 22 7.24 9.56 -3.17
C SER A 22 8.03 10.59 -2.37
N PHE A 23 8.01 10.43 -1.05
CA PHE A 23 8.73 11.33 -0.15
C PHE A 23 10.23 11.10 -0.31
N ARG A 24 10.86 11.94 -1.09
CA ARG A 24 12.31 11.84 -1.35
C ARG A 24 13.11 11.95 -0.04
N LYS A 25 14.16 11.14 0.07
CA LYS A 25 15.02 11.14 1.26
C LYS A 25 15.89 12.39 1.29
N ASP A 26 16.15 12.90 2.49
CA ASP A 26 16.98 14.10 2.67
C ASP A 26 16.45 15.26 1.82
#